data_7VU9
#
_entry.id   7VU9
#
_cell.length_a   126.739
_cell.length_b   127.057
_cell.length_c   39.418
_cell.angle_alpha   90.000
_cell.angle_beta   90.000
_cell.angle_gamma   90.000
#
_symmetry.space_group_name_H-M   'C 2 2 2'
#
loop_
_entity.id
_entity.type
_entity.pdbx_description
1 polymer 'Lectin (PhoSL)'
2 branched 2-acetamido-2-deoxy-beta-D-glucopyranose-(1-4)-[alpha-L-fucopyranose-(1-6)]2-acetamido-2-deoxy-beta-D-glucopyranose
3 non-polymer 'FORMIC ACID'
4 water water
#
_entity_poly.entity_id   1
_entity_poly.type   'polypeptide(L)'
_entity_poly.pdbx_seq_one_letter_code
;APVPVTKLVCDGDTYKCTAYLDYGDGKWVAQWDTAVFHTT
;
_entity_poly.pdbx_strand_id   A,B,C,D,E,F
#
loop_
_chem_comp.id
_chem_comp.type
_chem_comp.name
_chem_comp.formula
FMT non-polymer 'FORMIC ACID' 'C H2 O2'
FUC L-saccharide, alpha linking alpha-L-fucopyranose 'C6 H12 O5'
NAG D-saccharide, beta linking 2-acetamido-2-deoxy-beta-D-glucopyranose 'C8 H15 N O6'
#
# COMPACT_ATOMS: atom_id res chain seq x y z
N ALA A 1 -20.88 18.01 24.52
CA ALA A 1 -20.22 19.02 23.65
C ALA A 1 -19.01 18.35 22.98
N PRO A 2 -18.75 18.61 21.69
CA PRO A 2 -17.59 17.99 21.04
C PRO A 2 -16.33 18.59 21.66
N VAL A 3 -15.36 17.74 21.96
CA VAL A 3 -14.05 18.16 22.49
C VAL A 3 -13.00 17.51 21.63
N PRO A 4 -11.82 18.15 21.51
CA PRO A 4 -10.75 17.64 20.66
C PRO A 4 -10.09 16.40 21.26
N VAL A 5 -9.54 15.58 20.38
CA VAL A 5 -8.71 14.40 20.73
C VAL A 5 -7.25 14.86 20.83
N THR A 6 -6.69 14.75 22.02
CA THR A 6 -5.27 14.99 22.37
C THR A 6 -4.39 13.98 21.64
N LYS A 7 -4.66 12.68 21.79
CA LYS A 7 -3.92 11.66 21.01
C LYS A 7 -4.73 10.36 20.91
N LEU A 8 -4.33 9.55 19.94
CA LEU A 8 -4.98 8.28 19.62
C LEU A 8 -3.98 7.15 19.83
N VAL A 9 -4.33 6.15 20.63
CA VAL A 9 -3.53 4.89 20.77
C VAL A 9 -4.42 3.68 20.44
N CYS A 10 -3.82 2.64 19.86
CA CYS A 10 -4.55 1.37 19.56
CA CYS A 10 -4.49 1.36 19.50
C CYS A 10 -3.79 0.20 20.21
N ASP A 11 -4.54 -0.84 20.56
CA ASP A 11 -4.01 -1.95 21.39
C ASP A 11 -4.40 -3.26 20.70
N GLY A 12 -3.42 -4.03 20.26
CA GLY A 12 -3.66 -5.30 19.56
C GLY A 12 -3.67 -6.50 20.49
N ASP A 13 -3.66 -6.31 21.81
CA ASP A 13 -4.12 -7.34 22.78
C ASP A 13 -5.63 -7.16 23.07
N THR A 14 -6.10 -5.95 23.39
CA THR A 14 -7.54 -5.70 23.71
C THR A 14 -8.39 -5.41 22.44
N TYR A 15 -7.75 -5.13 21.30
CA TYR A 15 -8.43 -4.77 20.02
C TYR A 15 -9.37 -3.58 20.29
N LYS A 16 -8.85 -2.60 21.01
CA LYS A 16 -9.54 -1.32 21.30
C LYS A 16 -8.64 -0.19 20.85
N CYS A 17 -9.22 0.84 20.24
CA CYS A 17 -8.54 2.15 20.05
CA CYS A 17 -8.59 2.16 20.01
C CYS A 17 -9.07 3.10 21.12
N THR A 18 -8.18 3.90 21.70
CA THR A 18 -8.49 4.88 22.77
C THR A 18 -8.12 6.28 22.28
N ALA A 19 -9.05 7.21 22.37
CA ALA A 19 -8.80 8.64 22.10
C ALA A 19 -8.75 9.36 23.44
N TYR A 20 -7.61 9.93 23.79
CA TYR A 20 -7.45 10.75 25.01
C TYR A 20 -8.05 12.12 24.68
N LEU A 21 -8.98 12.57 25.50
CA LEU A 21 -9.80 13.77 25.20
C LEU A 21 -9.21 14.97 25.94
N ASP A 22 -9.30 16.14 25.32
CA ASP A 22 -8.92 17.45 25.90
C ASP A 22 -10.15 17.98 26.61
N TYR A 23 -10.35 17.57 27.86
CA TYR A 23 -11.54 17.92 28.67
C TYR A 23 -11.25 17.68 30.14
N GLY A 24 -11.73 18.60 30.99
CA GLY A 24 -11.71 18.49 32.46
C GLY A 24 -10.35 18.13 33.03
N ASP A 25 -10.32 17.08 33.85
CA ASP A 25 -9.11 16.60 34.55
C ASP A 25 -8.15 15.88 33.59
N GLY A 26 -8.46 15.76 32.29
CA GLY A 26 -7.58 15.08 31.31
C GLY A 26 -7.64 13.54 31.35
N LYS A 27 -8.54 12.93 32.13
CA LYS A 27 -8.62 11.45 32.31
C LYS A 27 -9.81 10.86 31.53
N TRP A 28 -10.45 11.65 30.68
CA TRP A 28 -11.57 11.13 29.87
C TRP A 28 -11.03 10.56 28.57
N VAL A 29 -11.61 9.46 28.13
CA VAL A 29 -11.28 8.77 26.86
C VAL A 29 -12.57 8.37 26.16
N ALA A 30 -12.44 8.22 24.87
CA ALA A 30 -13.40 7.56 23.97
C ALA A 30 -12.71 6.26 23.58
N GLN A 31 -13.46 5.16 23.56
CA GLN A 31 -12.93 3.83 23.22
C GLN A 31 -13.92 3.11 22.31
N TRP A 32 -13.38 2.40 21.34
CA TRP A 32 -14.18 1.60 20.39
C TRP A 32 -13.37 0.38 19.96
N ASP A 33 -14.08 -0.67 19.53
CA ASP A 33 -13.53 -1.94 19.00
C ASP A 33 -12.90 -1.68 17.64
N THR A 34 -11.81 -2.38 17.36
CA THR A 34 -11.01 -2.21 16.13
C THR A 34 -10.47 -3.57 15.72
N ALA A 35 -10.31 -3.82 14.42
CA ALA A 35 -9.34 -4.82 13.91
C ALA A 35 -7.95 -4.21 14.02
N VAL A 36 -6.96 -5.03 14.35
CA VAL A 36 -5.52 -4.68 14.32
C VAL A 36 -4.84 -5.82 13.58
N PHE A 37 -4.03 -5.52 12.58
CA PHE A 37 -3.38 -6.56 11.74
C PHE A 37 -2.10 -6.01 11.12
N HIS A 38 -1.32 -6.93 10.59
CA HIS A 38 -0.03 -6.72 9.92
C HIS A 38 -0.32 -6.61 8.43
N THR A 39 0.39 -5.72 7.74
CA THR A 39 0.25 -5.45 6.29
C THR A 39 1.54 -5.86 5.58
N THR A 40 1.47 -5.84 4.25
CA THR A 40 2.51 -6.32 3.32
C THR A 40 2.81 -5.19 2.31
N ALA B 1 -11.54 5.95 -1.81
CA ALA B 1 -10.06 5.97 -1.55
C ALA B 1 -9.78 6.68 -0.23
N PRO B 2 -8.63 6.39 0.41
CA PRO B 2 -8.35 6.90 1.75
C PRO B 2 -8.02 8.40 1.69
N VAL B 3 -8.54 9.20 2.62
CA VAL B 3 -8.32 10.68 2.69
C VAL B 3 -7.91 11.06 4.10
N PRO B 4 -7.09 12.12 4.26
CA PRO B 4 -6.59 12.50 5.58
C PRO B 4 -7.73 13.01 6.48
N VAL B 5 -7.55 12.91 7.78
CA VAL B 5 -8.48 13.49 8.78
C VAL B 5 -7.89 14.83 9.20
N THR B 6 -8.68 15.90 9.08
CA THR B 6 -8.33 17.30 9.39
C THR B 6 -8.42 17.51 10.90
N LYS B 7 -9.45 16.94 11.54
CA LYS B 7 -9.51 16.89 13.02
C LYS B 7 -10.52 15.86 13.52
N LEU B 8 -10.21 15.31 14.70
CA LEU B 8 -11.02 14.35 15.48
C LEU B 8 -11.64 15.08 16.67
N VAL B 9 -12.94 14.95 16.84
CA VAL B 9 -13.61 15.39 18.08
C VAL B 9 -14.46 14.22 18.60
N CYS B 10 -14.63 14.14 19.90
CA CYS B 10 -15.57 13.17 20.49
CA CYS B 10 -15.52 13.18 20.57
C CYS B 10 -16.56 13.96 21.38
N ASP B 11 -17.75 13.44 21.53
CA ASP B 11 -18.83 14.07 22.32
C ASP B 11 -19.33 13.07 23.37
N GLY B 12 -19.11 13.37 24.64
CA GLY B 12 -19.56 12.53 25.76
C GLY B 12 -21.05 12.71 26.09
N ASP B 13 -21.79 13.53 25.37
CA ASP B 13 -23.28 13.60 25.54
C ASP B 13 -23.94 12.66 24.50
N THR B 14 -23.40 12.60 23.29
CA THR B 14 -23.97 11.83 22.14
C THR B 14 -23.24 10.49 21.97
N TYR B 15 -22.07 10.33 22.57
CA TYR B 15 -21.21 9.10 22.49
C TYR B 15 -20.86 8.78 21.04
N LYS B 16 -20.39 9.80 20.33
CA LYS B 16 -19.93 9.73 18.93
C LYS B 16 -18.60 10.44 18.81
N CYS B 17 -17.68 9.87 18.02
N CYS B 17 -17.73 9.87 17.98
CA CYS B 17 -16.49 10.58 17.49
CA CYS B 17 -16.49 10.48 17.45
C CYS B 17 -16.76 10.98 16.05
C CYS B 17 -16.76 10.96 16.03
N THR B 18 -16.28 12.16 15.67
CA THR B 18 -16.45 12.75 14.32
C THR B 18 -15.07 13.11 13.82
N ALA B 19 -14.72 12.60 12.65
CA ALA B 19 -13.51 12.94 11.90
C ALA B 19 -13.91 13.84 10.73
N TYR B 20 -13.42 15.07 10.69
CA TYR B 20 -13.63 15.99 9.55
C TYR B 20 -12.56 15.64 8.51
N LEU B 21 -12.98 15.42 7.28
CA LEU B 21 -12.12 14.88 6.20
C LEU B 21 -11.66 16.02 5.27
N ASP B 22 -10.43 15.88 4.78
CA ASP B 22 -9.81 16.67 3.68
C ASP B 22 -10.20 16.04 2.34
N TYR B 23 -11.37 16.40 1.80
CA TYR B 23 -11.89 15.82 0.54
C TYR B 23 -12.95 16.73 -0.07
N GLY B 24 -12.87 16.91 -1.40
CA GLY B 24 -13.96 17.43 -2.25
C GLY B 24 -14.33 18.84 -1.81
N ASP B 25 -15.62 19.11 -1.54
CA ASP B 25 -16.15 20.46 -1.18
C ASP B 25 -15.83 20.80 0.29
N GLY B 26 -15.17 19.90 1.04
CA GLY B 26 -14.68 20.11 2.41
C GLY B 26 -15.70 19.77 3.49
N LYS B 27 -16.84 19.17 3.14
CA LYS B 27 -17.99 19.06 4.06
C LYS B 27 -18.27 17.60 4.42
N TRP B 28 -17.30 16.72 4.18
CA TRP B 28 -17.43 15.27 4.48
C TRP B 28 -16.94 14.97 5.90
N VAL B 29 -17.63 14.09 6.62
CA VAL B 29 -17.18 13.60 7.96
C VAL B 29 -17.27 12.08 8.01
N ALA B 30 -16.40 11.46 8.79
CA ALA B 30 -16.58 10.08 9.28
C ALA B 30 -17.14 10.17 10.70
N GLN B 31 -18.12 9.34 11.04
CA GLN B 31 -18.70 9.32 12.39
C GLN B 31 -18.87 7.86 12.88
N TRP B 32 -18.57 7.58 14.14
CA TRP B 32 -18.78 6.24 14.74
C TRP B 32 -19.15 6.38 16.21
N ASP B 33 -19.85 5.36 16.70
CA ASP B 33 -20.27 5.16 18.10
C ASP B 33 -19.03 4.81 18.92
N THR B 34 -18.98 5.37 20.12
CA THR B 34 -17.87 5.15 21.08
C THR B 34 -18.41 4.97 22.48
N ALA B 35 -17.67 4.25 23.30
CA ALA B 35 -17.74 4.41 24.76
C ALA B 35 -16.95 5.69 25.09
N VAL B 36 -17.45 6.46 26.06
CA VAL B 36 -16.77 7.64 26.65
C VAL B 36 -16.84 7.45 28.15
N PHE B 37 -15.71 7.54 28.81
CA PHE B 37 -15.64 7.38 30.26
C PHE B 37 -14.39 8.04 30.82
N HIS B 38 -14.42 8.20 32.12
CA HIS B 38 -13.30 8.69 32.94
C HIS B 38 -12.48 7.49 33.37
N THR B 39 -11.17 7.64 33.45
CA THR B 39 -10.25 6.56 33.85
C THR B 39 -9.59 6.89 35.19
N THR B 40 -8.82 5.96 35.71
CA THR B 40 -7.85 6.18 36.82
C THR B 40 -6.43 5.82 36.33
N ALA C 1 -0.70 -3.96 24.37
CA ALA C 1 -0.29 -2.67 24.96
C ALA C 1 -0.62 -1.55 23.98
N PRO C 2 -1.10 -0.39 24.47
CA PRO C 2 -1.45 0.71 23.59
C PRO C 2 -0.18 1.29 22.93
N VAL C 3 -0.29 1.62 21.65
CA VAL C 3 0.81 2.17 20.81
C VAL C 3 0.27 3.40 20.09
N PRO C 4 1.12 4.42 19.88
CA PRO C 4 0.69 5.60 19.14
C PRO C 4 0.26 5.28 17.71
N VAL C 5 -0.75 6.03 17.29
CA VAL C 5 -1.18 6.20 15.89
C VAL C 5 -0.35 7.33 15.30
N THR C 6 0.30 7.09 14.17
CA THR C 6 1.13 8.05 13.43
C THR C 6 0.29 8.75 12.36
N LYS C 7 -0.70 8.05 11.80
CA LYS C 7 -1.50 8.58 10.67
C LYS C 7 -2.92 8.02 10.72
N LEU C 8 -3.92 8.86 10.52
CA LEU C 8 -5.35 8.47 10.45
C LEU C 8 -5.94 8.88 9.09
N VAL C 9 -6.56 7.93 8.38
CA VAL C 9 -7.21 8.18 7.07
C VAL C 9 -8.60 7.56 7.13
N CYS C 10 -9.53 8.04 6.33
CA CYS C 10 -10.89 7.47 6.26
C CYS C 10 -11.21 7.27 4.80
N ASP C 11 -12.06 6.30 4.50
CA ASP C 11 -12.31 5.86 3.10
C ASP C 11 -13.82 5.72 2.93
N GLY C 12 -14.42 6.59 2.12
CA GLY C 12 -15.88 6.64 1.92
C GLY C 12 -16.35 5.65 0.86
N ASP C 13 -15.47 4.80 0.34
CA ASP C 13 -15.82 3.70 -0.60
C ASP C 13 -15.98 2.40 0.21
N THR C 14 -15.03 2.11 1.11
CA THR C 14 -15.06 0.92 2.00
C THR C 14 -15.74 1.23 3.33
N TYR C 15 -15.95 2.50 3.66
CA TYR C 15 -16.59 2.94 4.93
C TYR C 15 -15.75 2.42 6.12
N LYS C 16 -14.43 2.55 6.03
CA LYS C 16 -13.46 2.17 7.08
C LYS C 16 -12.48 3.32 7.30
N CYS C 17 -12.08 3.55 8.56
CA CYS C 17 -10.89 4.35 8.94
C CYS C 17 -9.72 3.40 9.17
N THR C 18 -8.52 3.84 8.80
CA THR C 18 -7.27 3.07 9.01
C THR C 18 -6.34 3.98 9.80
N ALA C 19 -5.87 3.52 10.96
CA ALA C 19 -4.80 4.13 11.78
C ALA C 19 -3.50 3.35 11.59
N TYR C 20 -2.46 4.00 11.10
CA TYR C 20 -1.08 3.46 10.96
C TYR C 20 -0.42 3.58 12.33
N LEU C 21 0.19 2.50 12.82
CA LEU C 21 0.68 2.39 14.21
C LEU C 21 2.20 2.43 14.26
N ASP C 22 2.70 3.01 15.35
CA ASP C 22 4.13 3.06 15.74
C ASP C 22 4.39 1.84 16.64
N TYR C 23 4.74 0.71 16.02
CA TYR C 23 5.01 -0.55 16.72
C TYR C 23 5.92 -1.44 15.86
N GLY C 24 6.85 -2.15 16.49
CA GLY C 24 7.64 -3.25 15.89
C GLY C 24 8.20 -2.85 14.53
N ASP C 25 7.87 -3.61 13.47
CA ASP C 25 8.43 -3.46 12.10
C ASP C 25 7.79 -2.28 11.34
N GLY C 26 6.78 -1.59 11.93
CA GLY C 26 6.18 -0.38 11.34
C GLY C 26 5.03 -0.66 10.38
N LYS C 27 4.61 -1.92 10.24
CA LYS C 27 3.59 -2.34 9.23
C LYS C 27 2.26 -2.74 9.87
N TRP C 28 2.02 -2.36 11.12
CA TRP C 28 0.75 -2.65 11.84
C TRP C 28 -0.25 -1.52 11.59
N VAL C 29 -1.51 -1.90 11.34
CA VAL C 29 -2.65 -0.96 11.18
C VAL C 29 -3.83 -1.42 12.05
N ALA C 30 -4.61 -0.45 12.51
CA ALA C 30 -5.94 -0.59 13.10
C ALA C 30 -6.96 -0.16 12.03
N GLN C 31 -8.13 -0.77 12.08
CA GLN C 31 -9.19 -0.50 11.10
C GLN C 31 -10.53 -0.72 11.79
N TRP C 32 -11.45 0.21 11.65
CA TRP C 32 -12.83 0.09 12.18
C TRP C 32 -13.82 0.59 11.13
N ASP C 33 -15.06 0.14 11.23
CA ASP C 33 -16.21 0.54 10.39
C ASP C 33 -16.64 1.93 10.84
N THR C 34 -17.01 2.76 9.87
CA THR C 34 -17.47 4.15 10.14
C THR C 34 -18.60 4.49 9.18
N ALA C 35 -19.48 5.40 9.59
CA ALA C 35 -20.36 6.14 8.68
C ALA C 35 -19.49 7.21 7.99
N VAL C 36 -19.74 7.49 6.73
CA VAL C 36 -19.08 8.61 6.00
C VAL C 36 -20.20 9.34 5.30
N PHE C 37 -20.36 10.64 5.53
CA PHE C 37 -21.47 11.37 4.89
C PHE C 37 -21.09 12.84 4.70
N HIS C 38 -21.83 13.51 3.83
CA HIS C 38 -21.77 14.96 3.54
C HIS C 38 -22.64 15.69 4.55
N THR C 39 -22.26 16.90 4.92
CA THR C 39 -23.02 17.79 5.84
C THR C 39 -23.40 19.09 5.13
N THR C 40 -24.38 19.83 5.67
CA THR C 40 -24.90 21.12 5.12
C THR C 40 -24.77 22.20 6.22
N ALA D 1 23.49 -2.39 -5.37
CA ALA D 1 23.95 -1.78 -6.67
C ALA D 1 23.20 -2.45 -7.83
N PRO D 2 22.93 -1.73 -8.92
CA PRO D 2 22.13 -2.29 -10.00
C PRO D 2 22.94 -3.35 -10.76
N VAL D 3 22.32 -4.49 -11.07
CA VAL D 3 22.99 -5.57 -11.85
C VAL D 3 22.08 -5.98 -12.98
N PRO D 4 22.68 -6.50 -14.07
CA PRO D 4 21.90 -6.92 -15.23
C PRO D 4 21.06 -8.16 -14.92
N VAL D 5 19.98 -8.29 -15.68
CA VAL D 5 19.08 -9.46 -15.67
C VAL D 5 19.57 -10.39 -16.78
N THR D 6 20.05 -11.58 -16.43
CA THR D 6 20.44 -12.71 -17.32
C THR D 6 19.22 -13.12 -18.14
N LYS D 7 18.13 -13.55 -17.49
CA LYS D 7 16.88 -13.91 -18.20
C LYS D 7 15.65 -13.74 -17.31
N LEU D 8 14.50 -13.67 -17.95
CA LEU D 8 13.19 -13.42 -17.32
C LEU D 8 12.28 -14.63 -17.60
N VAL D 9 11.72 -15.23 -16.55
CA VAL D 9 10.69 -16.31 -16.63
C VAL D 9 9.41 -15.88 -15.90
N CYS D 10 8.24 -16.30 -16.39
CA CYS D 10 6.92 -16.10 -15.73
C CYS D 10 6.25 -17.44 -15.50
N ASP D 11 5.39 -17.50 -14.49
CA ASP D 11 4.78 -18.74 -13.96
C ASP D 11 3.28 -18.48 -13.75
N GLY D 12 2.45 -19.11 -14.57
CA GLY D 12 1.00 -19.00 -14.48
C GLY D 12 0.38 -19.95 -13.47
N ASP D 13 1.18 -20.71 -12.70
CA ASP D 13 0.70 -21.43 -11.48
C ASP D 13 0.89 -20.55 -10.24
N THR D 14 2.04 -19.87 -10.11
CA THR D 14 2.41 -19.03 -8.93
C THR D 14 2.09 -17.54 -9.18
N TYR D 15 1.80 -17.14 -10.43
CA TYR D 15 1.55 -15.75 -10.86
C TYR D 15 2.69 -14.86 -10.32
N LYS D 16 3.91 -15.36 -10.51
CA LYS D 16 5.17 -14.67 -10.17
C LYS D 16 6.01 -14.61 -11.43
N CYS D 17 6.62 -13.46 -11.65
CA CYS D 17 7.69 -13.26 -12.65
C CYS D 17 9.05 -13.25 -11.91
N THR D 18 10.02 -13.99 -12.41
CA THR D 18 11.37 -14.15 -11.83
C THR D 18 12.44 -13.64 -12.81
N ALA D 19 13.33 -12.77 -12.34
CA ALA D 19 14.50 -12.28 -13.10
C ALA D 19 15.75 -12.92 -12.52
N TYR D 20 16.48 -13.71 -13.30
CA TYR D 20 17.77 -14.32 -12.87
C TYR D 20 18.84 -13.24 -13.03
N LEU D 21 19.58 -12.97 -11.96
CA LEU D 21 20.51 -11.83 -11.88
C LEU D 21 21.92 -12.29 -12.23
N ASP D 22 22.65 -11.41 -12.92
CA ASP D 22 24.11 -11.54 -13.20
C ASP D 22 24.87 -10.97 -12.00
N TYR D 23 25.11 -11.83 -10.99
CA TYR D 23 25.71 -11.40 -9.71
C TYR D 23 26.14 -12.63 -8.91
N GLY D 24 27.30 -12.51 -8.26
CA GLY D 24 27.78 -13.47 -7.26
C GLY D 24 27.82 -14.88 -7.79
N ASP D 25 27.30 -15.82 -7.00
CA ASP D 25 27.26 -17.26 -7.33
C ASP D 25 26.19 -17.53 -8.40
N GLY D 26 25.55 -16.50 -8.96
CA GLY D 26 24.53 -16.63 -10.02
C GLY D 26 23.21 -17.24 -9.55
N LYS D 27 22.93 -17.33 -8.24
CA LYS D 27 21.65 -17.91 -7.74
C LYS D 27 20.75 -16.81 -7.15
N TRP D 28 21.01 -15.54 -7.48
CA TRP D 28 20.14 -14.44 -6.99
C TRP D 28 19.05 -14.16 -8.01
N VAL D 29 17.84 -13.85 -7.53
CA VAL D 29 16.67 -13.56 -8.39
C VAL D 29 15.92 -12.36 -7.80
N ALA D 30 15.21 -11.65 -8.67
CA ALA D 30 14.17 -10.68 -8.31
C ALA D 30 12.86 -11.33 -8.71
N GLN D 31 11.83 -11.13 -7.89
CA GLN D 31 10.51 -11.79 -8.04
C GLN D 31 9.44 -10.77 -7.66
N TRP D 32 8.38 -10.72 -8.46
CA TRP D 32 7.21 -9.85 -8.23
C TRP D 32 5.97 -10.57 -8.73
N ASP D 33 4.82 -10.15 -8.20
CA ASP D 33 3.47 -10.64 -8.59
C ASP D 33 3.17 -10.15 -10.00
N THR D 34 2.37 -10.91 -10.71
CA THR D 34 2.06 -10.68 -12.13
C THR D 34 0.69 -11.31 -12.40
N ALA D 35 -0.11 -10.68 -13.26
CA ALA D 35 -1.21 -11.32 -13.98
C ALA D 35 -0.62 -12.14 -15.13
N VAL D 36 -1.17 -13.31 -15.39
CA VAL D 36 -0.84 -14.15 -16.57
C VAL D 36 -2.17 -14.49 -17.20
N PHE D 37 -2.30 -14.29 -18.51
CA PHE D 37 -3.58 -14.56 -19.20
C PHE D 37 -3.33 -14.82 -20.68
N HIS D 38 -4.37 -15.33 -21.31
CA HIS D 38 -4.48 -15.71 -22.73
C HIS D 38 -5.03 -14.50 -23.47
N THR D 39 -4.56 -14.29 -24.70
CA THR D 39 -4.94 -13.22 -25.65
C THR D 39 -5.62 -13.86 -26.86
N THR D 40 -6.47 -13.08 -27.52
CA THR D 40 -7.25 -13.48 -28.74
C THR D 40 -6.36 -13.27 -29.97
N ALA E 1 1.37 3.96 -25.22
CA ALA E 1 1.53 2.84 -26.18
C ALA E 1 2.76 2.01 -25.79
N PRO E 2 2.79 0.71 -26.18
CA PRO E 2 3.86 -0.18 -25.74
C PRO E 2 5.17 0.23 -26.41
N VAL E 3 6.28 0.27 -25.67
CA VAL E 3 7.63 0.56 -26.22
C VAL E 3 8.61 -0.50 -25.76
N PRO E 4 9.68 -0.77 -26.53
CA PRO E 4 10.66 -1.78 -26.15
C PRO E 4 11.48 -1.36 -24.93
N VAL E 5 11.98 -2.36 -24.22
CA VAL E 5 12.93 -2.22 -23.08
C VAL E 5 14.33 -2.46 -23.63
N THR E 6 15.24 -1.48 -23.52
CA THR E 6 16.62 -1.59 -24.04
C THR E 6 17.46 -2.33 -23.01
N LYS E 7 17.15 -2.21 -21.71
CA LYS E 7 17.82 -3.05 -20.71
C LYS E 7 17.13 -3.02 -19.36
N LEU E 8 17.27 -4.13 -18.65
CA LEU E 8 16.62 -4.43 -17.37
C LEU E 8 17.71 -4.64 -16.33
N VAL E 9 17.68 -3.86 -15.26
CA VAL E 9 18.59 -4.06 -14.11
C VAL E 9 17.77 -4.17 -12.83
N CYS E 10 18.31 -4.92 -11.89
CA CYS E 10 17.73 -5.04 -10.52
CA CYS E 10 17.74 -5.04 -10.52
C CYS E 10 18.80 -4.65 -9.50
N ASP E 11 18.37 -4.07 -8.39
CA ASP E 11 19.25 -3.68 -7.27
C ASP E 11 18.78 -4.36 -5.98
N GLY E 12 19.60 -5.24 -5.42
CA GLY E 12 19.31 -5.91 -4.14
C GLY E 12 19.61 -5.05 -2.91
N ASP E 13 19.97 -3.78 -3.05
CA ASP E 13 20.13 -2.88 -1.86
C ASP E 13 18.85 -2.03 -1.74
N THR E 14 18.16 -1.79 -2.85
CA THR E 14 17.00 -0.88 -2.94
C THR E 14 15.69 -1.63 -3.24
N TYR E 15 15.81 -2.89 -3.69
CA TYR E 15 14.71 -3.84 -4.01
C TYR E 15 13.78 -3.26 -5.09
N LYS E 16 14.39 -2.76 -6.15
CA LYS E 16 13.73 -2.20 -7.35
C LYS E 16 14.35 -2.82 -8.61
N CYS E 17 13.51 -3.08 -9.60
N CYS E 17 13.50 -3.11 -9.60
CA CYS E 17 13.89 -3.39 -10.99
CA CYS E 17 13.89 -3.37 -11.01
C CYS E 17 13.64 -2.14 -11.84
C CYS E 17 13.67 -2.10 -11.82
N THR E 18 14.60 -1.81 -12.73
CA THR E 18 14.55 -0.64 -13.63
C THR E 18 14.69 -1.15 -15.05
N ALA E 19 13.69 -0.84 -15.88
CA ALA E 19 13.68 -1.06 -17.34
C ALA E 19 13.95 0.29 -18.01
N TYR E 20 15.05 0.37 -18.75
CA TYR E 20 15.41 1.56 -19.58
C TYR E 20 14.62 1.40 -20.88
N LEU E 21 13.81 2.39 -21.26
CA LEU E 21 12.91 2.28 -22.45
C LEU E 21 13.51 2.96 -23.69
N ASP E 22 13.17 2.42 -24.86
CA ASP E 22 13.41 2.99 -26.21
C ASP E 22 12.24 3.91 -26.56
N TYR E 23 12.32 5.19 -26.20
CA TYR E 23 11.22 6.16 -26.43
C TYR E 23 11.76 7.58 -26.30
N GLY E 24 11.32 8.45 -27.22
CA GLY E 24 11.36 9.91 -27.05
C GLY E 24 12.79 10.34 -26.91
N ASP E 25 13.10 11.17 -25.90
CA ASP E 25 14.46 11.75 -25.70
C ASP E 25 15.43 10.70 -25.12
N GLY E 26 14.98 9.47 -24.88
CA GLY E 26 15.80 8.30 -24.46
C GLY E 26 16.00 8.21 -22.95
N LYS E 27 15.27 9.00 -22.15
CA LYS E 27 15.54 9.14 -20.70
C LYS E 27 14.35 8.61 -19.89
N TRP E 28 13.51 7.76 -20.49
CA TRP E 28 12.32 7.21 -19.82
C TRP E 28 12.64 5.85 -19.21
N VAL E 29 12.18 5.60 -17.98
CA VAL E 29 12.34 4.29 -17.31
C VAL E 29 10.98 3.81 -16.77
N ALA E 30 10.83 2.50 -16.72
CA ALA E 30 9.83 1.81 -15.88
C ALA E 30 10.55 1.27 -14.63
N GLN E 31 9.92 1.43 -13.47
CA GLN E 31 10.45 0.91 -12.19
C GLN E 31 9.35 0.22 -11.38
N TRP E 32 9.67 -0.92 -10.79
CA TRP E 32 8.73 -1.58 -9.85
C TRP E 32 9.51 -2.18 -8.67
N ASP E 33 8.77 -2.36 -7.56
CA ASP E 33 9.22 -3.04 -6.32
C ASP E 33 9.34 -4.54 -6.60
N THR E 34 10.39 -5.15 -6.09
CA THR E 34 10.69 -6.59 -6.26
C THR E 34 11.16 -7.15 -4.93
N ALA E 35 10.83 -8.40 -4.66
CA ALA E 35 11.64 -9.20 -3.73
C ALA E 35 12.95 -9.51 -4.47
N VAL E 36 14.08 -9.48 -3.77
CA VAL E 36 15.40 -9.98 -4.24
C VAL E 36 15.89 -10.93 -3.16
N PHE E 37 16.37 -12.10 -3.56
CA PHE E 37 16.84 -13.13 -2.62
C PHE E 37 17.68 -14.17 -3.35
N HIS E 38 18.39 -14.94 -2.57
CA HIS E 38 19.27 -16.05 -3.00
C HIS E 38 18.40 -17.32 -3.00
N THR E 39 18.65 -18.23 -3.94
CA THR E 39 17.90 -19.50 -4.10
C THR E 39 18.87 -20.67 -3.90
N THR E 40 18.36 -21.87 -3.67
CA THR E 40 19.18 -23.11 -3.71
C THR E 40 19.07 -23.72 -5.12
N ALA F 1 4.54 -23.48 -13.97
CA ALA F 1 5.99 -23.72 -14.20
C ALA F 1 6.59 -22.52 -14.92
N PRO F 2 7.84 -22.13 -14.59
CA PRO F 2 8.44 -20.94 -15.19
C PRO F 2 8.69 -21.16 -16.69
N VAL F 3 8.30 -20.19 -17.50
CA VAL F 3 8.47 -20.21 -18.97
C VAL F 3 9.20 -18.95 -19.39
N PRO F 4 10.04 -19.04 -20.43
CA PRO F 4 10.77 -17.88 -20.94
C PRO F 4 9.84 -16.78 -21.45
N VAL F 5 10.24 -15.57 -21.12
CA VAL F 5 9.76 -14.34 -21.77
C VAL F 5 10.52 -14.17 -23.07
N THR F 6 9.77 -13.88 -24.11
CA THR F 6 10.16 -13.71 -25.52
C THR F 6 10.48 -12.24 -25.78
N LYS F 7 9.69 -11.33 -25.20
CA LYS F 7 9.69 -9.88 -25.52
C LYS F 7 9.07 -9.13 -24.35
N LEU F 8 9.76 -8.12 -23.87
CA LEU F 8 9.32 -7.22 -22.78
C LEU F 8 9.08 -5.82 -23.35
N VAL F 9 7.90 -5.26 -23.11
CA VAL F 9 7.49 -3.90 -23.55
C VAL F 9 6.85 -3.21 -22.35
N CYS F 10 6.94 -1.89 -22.26
CA CYS F 10 6.30 -1.11 -21.19
C CYS F 10 5.49 0.00 -21.84
N ASP F 11 4.42 0.42 -21.18
CA ASP F 11 3.40 1.35 -21.70
C ASP F 11 3.16 2.42 -20.63
N GLY F 12 3.47 3.68 -20.93
CA GLY F 12 3.35 4.80 -20.00
C GLY F 12 2.01 5.51 -20.09
N ASP F 13 1.04 4.94 -20.80
CA ASP F 13 -0.38 5.38 -20.81
C ASP F 13 -1.14 4.49 -19.82
N THR F 14 -0.88 3.17 -19.84
CA THR F 14 -1.57 2.17 -18.99
C THR F 14 -0.74 1.89 -17.74
N TYR F 15 0.55 2.25 -17.75
CA TYR F 15 1.48 2.08 -16.61
C TYR F 15 1.56 0.57 -16.31
N LYS F 16 1.78 -0.23 -17.35
CA LYS F 16 1.91 -1.70 -17.29
C LYS F 16 3.07 -2.13 -18.16
N CYS F 17 3.81 -3.14 -17.73
CA CYS F 17 4.73 -3.92 -18.60
C CYS F 17 4.01 -5.18 -19.04
N THR F 18 4.26 -5.61 -20.27
CA THR F 18 3.76 -6.86 -20.85
C THR F 18 4.96 -7.71 -21.23
N ALA F 19 5.02 -8.94 -20.74
CA ALA F 19 5.99 -9.97 -21.16
C ALA F 19 5.23 -11.02 -22.00
N TYR F 20 5.61 -11.16 -23.26
CA TYR F 20 5.08 -12.18 -24.19
C TYR F 20 5.81 -13.48 -23.87
N LEU F 21 5.08 -14.57 -23.68
CA LEU F 21 5.62 -15.82 -23.14
C LEU F 21 5.78 -16.89 -24.22
N ASP F 22 6.77 -17.74 -24.03
CA ASP F 22 7.08 -18.93 -24.87
C ASP F 22 6.42 -20.14 -24.19
N TYR F 23 5.17 -20.39 -24.54
CA TYR F 23 4.35 -21.46 -23.91
C TYR F 23 3.14 -21.76 -24.81
N GLY F 24 2.81 -23.06 -24.94
CA GLY F 24 1.57 -23.58 -25.56
C GLY F 24 1.32 -22.97 -26.93
N ASP F 25 0.16 -22.35 -27.13
CA ASP F 25 -0.28 -21.78 -28.43
C ASP F 25 0.44 -20.46 -28.73
N GLY F 26 1.35 -20.02 -27.85
CA GLY F 26 2.13 -18.79 -28.04
C GLY F 26 1.35 -17.50 -27.78
N LYS F 27 0.14 -17.55 -27.22
CA LYS F 27 -0.69 -16.31 -27.02
C LYS F 27 -0.80 -15.92 -25.53
N TRP F 28 0.08 -16.42 -24.69
CA TRP F 28 0.07 -16.09 -23.24
C TRP F 28 0.96 -14.87 -22.99
N VAL F 29 0.51 -13.98 -22.11
CA VAL F 29 1.27 -12.79 -21.67
C VAL F 29 1.22 -12.67 -20.15
N ALA F 30 2.27 -12.07 -19.58
CA ALA F 30 2.35 -11.62 -18.18
C ALA F 30 2.24 -10.11 -18.21
N GLN F 31 1.77 -9.54 -17.12
CA GLN F 31 1.46 -8.10 -17.10
C GLN F 31 1.43 -7.67 -15.64
N TRP F 32 2.20 -6.64 -15.30
CA TRP F 32 2.29 -6.08 -13.94
C TRP F 32 2.24 -4.55 -14.03
N ASP F 33 1.90 -3.92 -12.91
CA ASP F 33 1.85 -2.45 -12.71
C ASP F 33 3.28 -1.96 -12.58
N THR F 34 3.58 -0.81 -13.18
CA THR F 34 4.90 -0.15 -13.15
C THR F 34 4.70 1.34 -12.93
N ALA F 35 5.67 1.97 -12.25
CA ALA F 35 5.93 3.41 -12.38
C ALA F 35 6.66 3.61 -13.73
N VAL F 36 6.31 4.67 -14.46
CA VAL F 36 7.01 5.08 -15.71
C VAL F 36 7.30 6.56 -15.56
N PHE F 37 8.56 6.97 -15.67
CA PHE F 37 8.90 8.39 -15.43
C PHE F 37 10.14 8.78 -16.23
N HIS F 38 10.36 10.09 -16.31
CA HIS F 38 11.51 10.73 -16.99
C HIS F 38 12.64 10.91 -15.98
N THR F 39 13.90 10.78 -16.40
CA THR F 39 15.11 11.02 -15.56
C THR F 39 15.92 12.20 -16.12
N THR F 40 16.82 12.79 -15.34
CA THR F 40 17.58 14.01 -15.73
C THR F 40 19.09 13.80 -15.44
C1 NAG G . -18.28 16.16 33.99
C2 NAG G . -19.74 16.64 34.08
C3 NAG G . -20.66 15.49 33.78
C4 NAG G . -20.29 14.89 32.43
C5 NAG G . -18.80 14.62 32.33
C6 NAG G . -18.42 14.20 30.92
C7 NAG G . -20.71 18.30 35.58
C8 NAG G . -20.65 18.77 37.01
N2 NAG G . -20.01 17.18 35.39
O1 NAG G . -17.32 17.19 34.29
O3 NAG G . -22.03 15.88 33.72
O4 NAG G . -20.93 13.63 32.26
O5 NAG G . -18.07 15.80 32.65
O6 NAG G . -18.70 15.25 29.95
O7 NAG G . -21.29 18.91 34.67
C1 NAG G . -21.98 13.62 31.30
C2 NAG G . -22.26 12.19 30.79
C3 NAG G . -23.56 12.09 29.98
C4 NAG G . -24.68 12.81 30.72
C5 NAG G . -24.25 14.25 31.06
C6 NAG G . -25.35 15.08 31.74
C7 NAG G . -20.30 10.79 30.38
C8 NAG G . -19.39 10.21 29.36
N2 NAG G . -21.21 11.65 29.94
O3 NAG G . -23.89 10.72 29.67
O4 NAG G . -25.84 12.83 29.90
O5 NAG G . -23.10 14.20 31.93
O6 NAG G . -26.18 14.24 32.58
O7 NAG G . -20.25 10.50 31.56
C1 FUC G . -19.20 14.82 28.67
C2 FUC G . -19.76 16.06 27.96
C3 FUC G . -18.60 17.01 27.68
C4 FUC G . -17.44 16.27 26.94
C5 FUC G . -17.03 15.08 27.75
C6 FUC G . -15.95 14.34 26.98
O2 FUC G . -20.76 16.67 28.79
O3 FUC G . -19.02 18.04 26.81
O4 FUC G . -17.92 15.86 25.66
O5 FUC G . -18.19 14.24 27.89
C1 NAG H . -18.26 12.48 -4.61
C2 NAG H . -18.33 11.33 -5.65
C3 NAG H . -19.23 10.21 -5.10
C4 NAG H . -18.69 9.78 -3.74
C5 NAG H . -18.35 10.98 -2.80
C6 NAG H . -17.63 10.52 -1.55
C7 NAG H . -18.29 11.39 -8.11
C8 NAG H . -19.00 11.96 -9.30
N2 NAG H . -18.82 11.79 -6.94
O1 NAG H . -17.54 13.61 -5.07
O3 NAG H . -19.28 9.08 -5.99
O4 NAG H . -19.67 8.99 -3.05
O5 NAG H . -17.57 11.97 -3.47
O6 NAG H . -16.38 9.99 -1.99
O7 NAG H . -17.32 10.62 -8.22
C1 NAG H . -19.38 7.60 -3.08
C2 NAG H . -20.13 6.88 -1.96
C3 NAG H . -20.16 5.35 -2.10
C4 NAG H . -20.56 4.97 -3.50
C5 NAG H . -19.52 5.67 -4.40
C6 NAG H . -19.42 5.14 -5.84
C7 NAG H . -20.20 8.07 0.14
C8 NAG H . -19.54 8.36 1.47
N2 NAG H . -19.57 7.22 -0.67
O3 NAG H . -21.12 4.74 -1.24
O4 NAG H . -20.54 3.54 -3.56
O5 NAG H . -19.79 7.08 -4.34
O6 NAG H . -20.12 6.01 -6.73
O7 NAG H . -21.27 8.59 -0.15
C1 FUC H . -15.99 8.86 -1.18
C2 FUC H . -14.77 8.15 -1.79
C3 FUC H . -13.59 9.09 -1.76
C4 FUC H . -13.37 9.59 -0.34
C5 FUC H . -14.66 10.20 0.24
C6 FUC H . -14.44 10.62 1.66
O2 FUC H . -15.02 7.73 -3.14
O3 FUC H . -12.43 8.45 -2.29
O4 FUC H . -12.99 8.53 0.52
O5 FUC H . -15.74 9.25 0.16
C1 NAG I . 4.35 -9.27 17.82
C2 NAG I . 4.15 -10.22 18.97
C3 NAG I . 2.76 -10.85 18.91
C4 NAG I . 1.67 -9.77 18.74
C5 NAG I . 2.03 -8.66 17.75
C6 NAG I . 1.10 -7.41 17.78
C7 NAG I . 5.89 -11.60 20.14
C8 NAG I . 6.99 -12.65 19.96
N2 NAG I . 5.23 -11.20 19.02
O1 NAG I . 5.67 -8.69 17.93
O3 NAG I . 2.55 -11.58 20.13
O4 NAG I . 0.46 -10.42 18.33
O5 NAG I . 3.37 -8.24 17.93
O6 NAG I . 1.15 -6.94 19.11
O7 NAG I . 5.63 -11.19 21.26
C1 NAG I . -0.48 -10.60 19.39
C2 NAG I . -1.91 -10.64 18.83
C3 NAG I . -2.94 -11.12 19.86
C4 NAG I . -2.40 -12.33 20.61
C5 NAG I . -1.03 -12.02 21.22
C6 NAG I . -0.42 -13.10 22.10
C7 NAG I . -2.35 -9.19 16.89
C8 NAG I . -2.94 -7.90 16.40
N2 NAG I . -2.32 -9.37 18.24
O3 NAG I . -4.14 -11.50 19.17
O4 NAG I . -3.34 -12.73 21.61
O5 NAG I . -0.17 -11.79 20.10
O6 NAG I . 1.02 -13.00 22.12
O7 NAG I . -1.97 -10.02 16.06
C1 FUC I . -0.07 -6.40 19.63
C2 FUC I . 0.20 -5.94 21.04
C3 FUC I . 1.16 -4.73 21.07
C4 FUC I . 0.64 -3.63 20.13
C5 FUC I . 0.40 -4.23 18.76
C6 FUC I . -0.02 -3.19 17.72
O2 FUC I . 0.75 -7.03 21.78
O3 FUC I . 1.27 -4.16 22.39
O4 FUC I . -0.60 -3.12 20.64
O5 FUC I . -0.57 -5.28 18.89
C1 NAG J . 26.23 -10.70 -0.89
C2 NAG J . 26.68 -9.59 0.08
C3 NAG J . 25.45 -9.17 0.87
C4 NAG J . 24.35 -8.74 -0.08
C5 NAG J . 24.11 -9.79 -1.15
C6 NAG J . 23.12 -9.31 -2.20
C7 NAG J . 28.89 -9.36 1.15
C8 NAG J . 29.99 -10.14 1.85
N2 NAG J . 27.76 -10.05 0.95
O1 NAG J . 27.27 -11.23 -1.71
O3 NAG J . 25.72 -8.06 1.71
O4 NAG J . 23.13 -8.67 0.61
O5 NAG J . 25.33 -10.12 -1.79
O6 NAG J . 23.66 -8.17 -2.89
O7 NAG J . 29.09 -8.19 0.77
C1 NAG J . 22.71 -7.34 0.88
C2 NAG J . 21.20 -7.34 1.18
C3 NAG J . 20.71 -5.97 1.59
C4 NAG J . 21.67 -5.38 2.62
C5 NAG J . 23.10 -5.44 2.10
C6 NAG J . 24.11 -4.71 3.00
C7 NAG J . 19.80 -8.85 -0.12
C8 NAG J . 18.84 -9.04 -1.27
N2 NAG J . 20.37 -7.69 0.04
O3 NAG J . 19.37 -6.09 2.09
O4 NAG J . 21.27 -4.02 2.82
O5 NAG J . 23.45 -6.84 1.96
O6 NAG J . 23.86 -5.05 4.36
O7 NAG J . 20.05 -9.73 0.64
C1 FUC J . 22.64 -7.20 -3.22
C2 FUC J . 23.34 -5.92 -3.62
C3 FUC J . 24.15 -6.21 -4.89
C4 FUC J . 23.22 -6.77 -5.97
C5 FUC J . 22.53 -8.01 -5.46
C6 FUC J . 21.56 -8.46 -6.52
O2 FUC J . 24.22 -5.53 -2.57
O3 FUC J . 24.76 -5.06 -5.43
O4 FUC J . 22.23 -5.79 -6.30
O5 FUC J . 21.81 -7.70 -4.26
C1 NAG K . 5.70 12.62 -24.02
C2 NAG K . 4.23 12.96 -24.30
C3 NAG K . 3.45 12.86 -22.99
C4 NAG K . 3.69 11.44 -22.44
C5 NAG K . 5.17 11.05 -22.42
C6 NAG K . 5.34 9.60 -22.01
C7 NAG K . 3.23 14.58 -25.89
C8 NAG K . 3.17 16.07 -26.18
N2 NAG K . 4.08 14.27 -24.90
O1 NAG K . 6.51 12.86 -25.15
O3 NAG K . 2.01 13.15 -23.19
O4 NAG K . 3.29 11.30 -21.09
O5 NAG K . 5.77 11.24 -23.70
O6 NAG K . 4.74 8.84 -23.05
O7 NAG K . 2.54 13.76 -26.47
C1 NAG K . 1.96 10.80 -20.90
C2 NAG K . 1.84 10.36 -19.43
C3 NAG K . 0.41 9.94 -19.03
C4 NAG K . -0.58 10.97 -19.53
C5 NAG K . -0.33 11.12 -21.04
C6 NAG K . -1.45 11.84 -21.81
C7 NAG K . 3.84 9.42 -18.41
C8 NAG K . 4.67 8.18 -18.25
N2 NAG K . 2.76 9.28 -19.18
O3 NAG K . 0.17 9.84 -17.62
O4 NAG K . -1.85 10.45 -19.22
O5 NAG K . 0.95 11.76 -21.21
O6 NAG K . -1.01 13.15 -22.17
O7 NAG K . 4.16 10.46 -17.82
C1 FUC K . 4.06 7.68 -22.49
C2 FUC K . 3.22 7.02 -23.56
C3 FUC K . 4.12 6.47 -24.65
C4 FUC K . 5.16 5.55 -24.04
C5 FUC K . 5.91 6.30 -22.95
C6 FUC K . 7.00 5.45 -22.36
O2 FUC K . 2.28 7.98 -24.07
O3 FUC K . 3.36 5.78 -25.66
O4 FUC K . 4.54 4.40 -23.48
O5 FUC K . 4.98 6.75 -21.94
C1 NAG L . -2.97 -24.67 -20.27
C2 NAG L . -3.33 -25.59 -19.13
C3 NAG L . -4.01 -24.82 -18.01
C4 NAG L . -3.13 -23.64 -17.59
C5 NAG L . -2.60 -22.88 -18.81
C6 NAG L . -1.53 -21.83 -18.45
C7 NAG L . -4.11 -27.92 -19.14
C8 NAG L . -4.93 -29.01 -19.83
N2 NAG L . -4.19 -26.67 -19.62
O1 NAG L . -2.33 -25.41 -21.29
O3 NAG L . -4.26 -25.73 -16.91
O4 NAG L . -3.89 -22.71 -16.77
O5 NAG L . -2.06 -23.72 -19.81
O6 NAG L . -0.49 -22.51 -17.77
O7 NAG L . -3.39 -28.16 -18.19
C1 NAG L . -3.63 -22.79 -15.36
C2 NAG L . -4.05 -21.45 -14.67
C3 NAG L . -4.05 -21.51 -13.14
C4 NAG L . -4.82 -22.75 -12.78
C5 NAG L . -4.13 -23.97 -13.40
C6 NAG L . -4.62 -25.33 -12.94
C7 NAG L . -3.61 -19.41 -15.97
C8 NAG L . -2.68 -18.25 -16.20
N2 NAG L . -3.20 -20.37 -15.09
O3 NAG L . -4.66 -20.36 -12.52
O4 NAG L . -4.89 -22.83 -11.37
O5 NAG L . -4.35 -23.88 -14.80
O6 NAG L . -4.04 -26.30 -13.84
O7 NAG L . -4.70 -19.42 -16.53
C1 FUC L . 0.17 -21.80 -16.69
C2 FUC L . 1.22 -22.72 -16.12
C3 FUC L . 2.31 -23.03 -17.16
C4 FUC L . 2.91 -21.72 -17.67
C5 FUC L . 1.78 -20.86 -18.17
C6 FUC L . 2.19 -19.51 -18.75
O2 FUC L . 0.50 -23.88 -15.66
O3 FUC L . 3.34 -23.88 -16.62
O4 FUC L . 3.53 -20.99 -16.59
O5 FUC L . 0.85 -20.64 -17.10
C FMT M . -14.09 16.63 34.56
O1 FMT M . -12.95 16.21 34.67
O2 FMT M . -15.16 16.14 35.18
C FMT N . -17.35 16.22 -3.38
O1 FMT N . -18.27 15.56 -3.80
O2 FMT N . -17.49 17.15 -2.49
C FMT O . 6.26 -6.99 15.31
O1 FMT O . 5.81 -8.11 15.43
O2 FMT O . 6.43 -6.37 14.18
C FMT P . 27.07 -13.78 -3.73
O1 FMT P . 26.78 -14.76 -4.39
O2 FMT P . 26.87 -13.66 -2.44
C FMT Q . 9.58 12.65 -24.96
O1 FMT Q . 8.72 13.31 -24.40
O2 FMT Q . 10.76 12.37 -24.46
C FMT R . -2.01 -23.54 -23.79
O1 FMT R . -3.03 -23.83 -23.19
O2 FMT R . -1.96 -22.85 -24.89
#